data_4TTH
#
_entry.id   4TTH
#
_cell.length_a   71.100
_cell.length_b   71.100
_cell.length_c   448.995
_cell.angle_alpha   90.00
_cell.angle_beta   90.00
_cell.angle_gamma   120.00
#
_symmetry.space_group_name_H-M   'P 65 2 2'
#
loop_
_entity.id
_entity.type
_entity.pdbx_description
1 polymer 'Cyclin homolog'
2 polymer 'Cyclin-dependent kinase 6'
3 non-polymer 9-cyclopentyl-N-(5-piperazin-1-ylpyridin-2-yl)pyrido[4,5]pyrrolo[1,2-d]pyrimidin-2-amine
4 water water
#
loop_
_entity_poly.entity_id
_entity_poly.type
_entity_poly.pdbx_seq_one_letter_code
_entity_poly.pdbx_strand_id
1 'polypeptide(L)'
;MADSPNRLNRAKIDSTTMKDPRVLNNLKLRELLLPKFTSLWEIQTEVTVDNRTILLTWMHLLCESFELDKSVFPLSVSIL
DRYLCKKQGTKKTLQKIGAACVLIGSKIRTVKPMTVSKLTYLSCDCFTNLELINQEKDILEALKWDTEAVLATDFLIPLC
NALKIPEDLWPQLYEAASTTICKALIQPNIALLSPGLICAGGLLTTIETDNTNCRPWTCYLEDLSSILNFSTNTVRTVKD
QVSEAFSLYDLEIL
;
A
2 'polypeptide(L)'
;MEKDGLCRADQQYECVAEIGEGAYGKVFKARDLKNGGRFVALKRVRVQTGEEGMPLSTIREVAVLRHLETFEHPNVVRLF
DVCTVSRTDRETKLTLVFEHVDQDLTTYLDKVPEPGVPTETIKDMMFQLLRGLDFLHSHRVVHRDLKPQNILVTSSGQIK
LADFGLARIYSFQMALTSVVVTLWYRAPEVLLQSSYATPVDLWSVGCIFAEMFRRKPLFRGSSDVDQLGKILDVIGLPGE
EDWPRDVALPRQAFHSKSAQPIEKFVTDIDELGKDLLLKCLTFNPAKRISAYSALSHPYFQDLERCKENLDSHLPPSQNT
SELNTA
;
B
#
# COMPACT_ATOMS: atom_id res chain seq x y z
N LEU A 8 -5.73 12.29 14.27
CA LEU A 8 -5.08 11.40 13.32
C LEU A 8 -3.80 12.00 12.77
N ASN A 9 -2.70 11.28 12.96
CA ASN A 9 -1.39 11.74 12.49
C ASN A 9 -1.08 11.34 11.03
N ARG A 10 -0.16 12.06 10.41
CA ARG A 10 0.04 11.85 9.00
C ARG A 10 1.40 11.28 8.59
N ALA A 11 1.38 10.46 7.53
CA ALA A 11 2.59 9.90 6.96
C ALA A 11 3.57 11.01 6.64
N LYS A 12 4.78 10.86 7.14
CA LYS A 12 5.84 11.85 6.90
C LYS A 12 6.87 11.22 5.95
N ILE A 13 7.86 11.99 5.53
CA ILE A 13 8.92 11.48 4.66
C ILE A 13 9.48 10.11 5.11
N ASP A 14 9.73 9.26 4.12
CA ASP A 14 10.24 7.93 4.34
C ASP A 14 11.20 7.63 3.18
N SER A 15 12.50 7.58 3.48
CA SER A 15 13.51 7.43 2.45
C SER A 15 13.25 6.17 1.63
N THR A 16 12.82 5.12 2.32
CA THR A 16 12.57 3.86 1.68
C THR A 16 11.51 3.98 0.60
N THR A 17 10.54 4.84 0.83
CA THR A 17 9.28 4.83 0.11
C THR A 17 9.19 6.04 -0.82
N MET A 18 10.13 6.96 -0.68
CA MET A 18 10.08 8.20 -1.44
C MET A 18 11.42 8.61 -2.05
N LYS A 19 12.52 8.13 -1.49
CA LYS A 19 13.82 8.54 -2.02
C LYS A 19 14.61 7.42 -2.68
N ASP A 20 14.20 6.18 -2.43
CA ASP A 20 14.70 5.03 -3.14
C ASP A 20 14.39 5.17 -4.64
N PRO A 21 15.45 5.22 -5.47
CA PRO A 21 15.31 5.41 -6.92
C PRO A 21 14.52 4.30 -7.61
N ARG A 22 14.46 3.11 -7.00
CA ARG A 22 13.72 2.05 -7.63
C ARG A 22 12.22 2.07 -7.33
N VAL A 23 11.79 3.14 -6.69
CA VAL A 23 10.37 3.31 -6.41
C VAL A 23 9.79 4.02 -7.61
N LEU A 24 10.53 5.01 -8.10
CA LEU A 24 10.15 5.69 -9.32
C LEU A 24 10.18 4.70 -10.48
N ASN A 25 11.24 3.89 -10.54
CA ASN A 25 11.33 2.81 -11.50
C ASN A 25 10.09 1.94 -11.46
N ASN A 26 9.77 1.38 -10.30
CA ASN A 26 8.66 0.43 -10.20
C ASN A 26 7.29 1.06 -10.43
N LEU A 27 7.22 2.37 -10.33
CA LEU A 27 5.96 3.08 -10.59
C LEU A 27 5.74 3.07 -12.09
N LYS A 28 6.75 3.56 -12.81
CA LYS A 28 6.91 3.41 -14.28
C LYS A 28 6.51 2.02 -14.78
N LEU A 29 6.89 1.00 -14.05
CA LEU A 29 6.54 -0.36 -14.41
C LEU A 29 5.07 -0.65 -14.26
N ARG A 30 4.60 -0.65 -13.02
CA ARG A 30 3.21 -1.03 -12.73
C ARG A 30 2.19 -0.11 -13.39
N GLU A 31 2.65 1.07 -13.79
CA GLU A 31 1.91 1.94 -14.70
C GLU A 31 1.57 1.16 -15.99
N LEU A 32 2.47 0.27 -16.42
CA LEU A 32 2.21 -0.54 -17.62
C LEU A 32 1.28 -1.74 -17.35
N LEU A 33 0.78 -1.86 -16.13
CA LEU A 33 -0.17 -2.92 -15.80
C LEU A 33 -1.64 -2.48 -15.89
N LEU A 34 -1.89 -1.20 -16.13
CA LEU A 34 -3.24 -0.74 -16.47
C LEU A 34 -3.26 -0.46 -17.98
N PRO A 35 -3.78 -1.41 -18.78
CA PRO A 35 -3.69 -1.30 -20.24
C PRO A 35 -4.33 -0.01 -20.75
N LYS A 36 -3.61 0.70 -21.61
CA LYS A 36 -4.04 2.01 -22.11
C LYS A 36 -5.38 1.95 -22.81
N PHE A 37 -6.34 2.68 -22.23
CA PHE A 37 -7.68 2.78 -22.77
C PHE A 37 -7.62 3.17 -24.25
N THR A 38 -8.33 2.42 -25.09
CA THR A 38 -8.45 2.76 -26.50
C THR A 38 -9.06 4.15 -26.69
N SER A 39 -10.29 4.28 -26.20
CA SER A 39 -11.02 5.53 -26.16
C SER A 39 -11.84 5.50 -24.88
N LEU A 40 -12.33 6.65 -24.43
CA LEU A 40 -13.07 6.69 -23.18
C LEU A 40 -14.46 6.06 -23.26
N TRP A 41 -14.67 5.05 -22.43
CA TRP A 41 -15.95 4.34 -22.35
C TRP A 41 -16.39 3.83 -23.72
N GLU A 42 -15.47 3.16 -24.41
CA GLU A 42 -15.78 2.56 -25.70
C GLU A 42 -16.98 1.63 -25.57
N ILE A 43 -16.85 0.57 -24.76
CA ILE A 43 -17.91 -0.43 -24.55
C ILE A 43 -19.31 0.15 -24.25
N GLN A 44 -19.44 1.47 -24.31
CA GLN A 44 -20.66 2.11 -23.83
C GLN A 44 -21.64 2.51 -24.92
N THR A 45 -22.89 2.08 -24.76
CA THR A 45 -23.94 2.37 -25.73
C THR A 45 -24.82 3.58 -25.34
N GLU A 46 -25.09 3.72 -24.04
CA GLU A 46 -25.95 4.78 -23.55
C GLU A 46 -25.18 6.00 -23.03
N VAL A 47 -24.72 5.96 -21.79
CA VAL A 47 -24.07 7.11 -21.15
C VAL A 47 -22.82 7.55 -21.90
N THR A 48 -22.43 8.81 -21.71
CA THR A 48 -21.30 9.37 -22.45
C THR A 48 -20.30 10.10 -21.57
N VAL A 49 -19.25 10.62 -22.21
CA VAL A 49 -18.20 11.37 -21.56
C VAL A 49 -18.77 12.58 -20.82
N ASP A 50 -19.78 13.21 -21.43
CA ASP A 50 -20.49 14.31 -20.78
C ASP A 50 -21.02 13.86 -19.41
N ASN A 51 -21.74 12.75 -19.39
CA ASN A 51 -22.21 12.15 -18.15
C ASN A 51 -21.13 11.83 -17.10
N ARG A 52 -19.88 11.78 -17.54
CA ARG A 52 -18.77 11.42 -16.68
C ARG A 52 -18.18 12.65 -16.01
N THR A 53 -17.94 13.70 -16.79
CA THR A 53 -17.40 14.94 -16.24
C THR A 53 -18.25 15.47 -15.10
N ILE A 54 -19.57 15.34 -15.24
CA ILE A 54 -20.53 15.66 -14.20
C ILE A 54 -20.31 14.80 -12.96
N LEU A 55 -20.62 13.51 -13.08
CA LEU A 55 -20.44 12.51 -12.03
C LEU A 55 -19.04 12.55 -11.42
N LEU A 56 -18.02 12.68 -12.25
CA LEU A 56 -16.70 12.86 -11.72
C LEU A 56 -16.63 14.13 -10.88
N THR A 57 -17.38 15.15 -11.27
CA THR A 57 -17.38 16.44 -10.55
C THR A 57 -18.05 16.32 -9.19
N TRP A 58 -19.18 15.63 -9.15
CA TRP A 58 -19.84 15.33 -7.88
C TRP A 58 -18.89 14.54 -7.00
N MET A 59 -18.36 13.46 -7.56
CA MET A 59 -17.44 12.55 -6.86
C MET A 59 -16.26 13.29 -6.25
N HIS A 60 -15.61 14.11 -7.07
CA HIS A 60 -14.53 14.92 -6.55
C HIS A 60 -14.97 15.75 -5.37
N LEU A 61 -16.14 16.40 -5.48
CA LEU A 61 -16.69 17.25 -4.42
C LEU A 61 -16.94 16.43 -3.19
N LEU A 62 -17.63 15.33 -3.38
CA LEU A 62 -17.83 14.39 -2.30
C LEU A 62 -16.51 14.00 -1.61
N CYS A 63 -15.41 13.96 -2.36
CA CYS A 63 -14.10 13.63 -1.78
C CYS A 63 -13.44 14.84 -1.13
N GLU A 64 -13.70 16.00 -1.71
CA GLU A 64 -13.20 17.25 -1.18
C GLU A 64 -13.98 17.65 0.08
N SER A 65 -15.31 17.61 0.03
CA SER A 65 -16.11 18.07 1.16
C SER A 65 -15.90 17.22 2.41
N PHE A 66 -15.77 15.90 2.25
CA PHE A 66 -15.47 15.04 3.40
C PHE A 66 -14.01 14.88 3.77
N GLU A 67 -13.13 15.73 3.22
CA GLU A 67 -11.72 15.79 3.61
C GLU A 67 -10.93 14.46 3.47
N LEU A 68 -11.24 13.68 2.44
CA LEU A 68 -10.52 12.43 2.21
C LEU A 68 -9.09 12.65 1.72
N ASP A 69 -8.24 11.64 1.94
CA ASP A 69 -6.84 11.67 1.52
C ASP A 69 -6.75 11.90 0.02
N LYS A 70 -5.75 12.68 -0.42
CA LYS A 70 -5.68 13.12 -1.83
C LYS A 70 -5.73 11.97 -2.84
N SER A 71 -5.39 10.77 -2.41
CA SER A 71 -5.33 9.69 -3.36
C SER A 71 -6.59 8.86 -3.43
N VAL A 72 -7.70 9.36 -2.90
CA VAL A 72 -8.95 8.60 -2.91
C VAL A 72 -9.74 8.88 -4.18
N PHE A 73 -9.59 10.07 -4.73
CA PHE A 73 -10.32 10.43 -5.94
C PHE A 73 -9.67 9.87 -7.22
N PRO A 74 -8.33 9.94 -7.32
CA PRO A 74 -7.73 9.23 -8.45
C PRO A 74 -8.10 7.75 -8.54
N LEU A 75 -8.06 7.04 -7.41
CA LEU A 75 -8.41 5.63 -7.43
C LEU A 75 -9.86 5.38 -7.83
N SER A 76 -10.77 6.20 -7.33
CA SER A 76 -12.17 6.04 -7.71
C SER A 76 -12.43 6.28 -9.19
N VAL A 77 -11.67 7.20 -9.78
CA VAL A 77 -11.82 7.51 -11.20
C VAL A 77 -11.31 6.33 -12.02
N SER A 78 -10.18 5.79 -11.58
CA SER A 78 -9.55 4.60 -12.14
C SER A 78 -10.47 3.40 -12.09
N ILE A 79 -10.94 3.05 -10.90
CA ILE A 79 -11.94 1.99 -10.74
C ILE A 79 -13.13 2.15 -11.68
N LEU A 80 -13.68 3.35 -11.73
CA LEU A 80 -14.94 3.58 -12.43
C LEU A 80 -14.79 3.34 -13.91
N ASP A 81 -13.83 4.00 -14.52
CA ASP A 81 -13.51 3.77 -15.91
C ASP A 81 -13.34 2.28 -16.20
N ARG A 82 -12.50 1.62 -15.41
CA ARG A 82 -12.20 0.21 -15.60
C ARG A 82 -13.47 -0.63 -15.56
N TYR A 83 -14.30 -0.43 -14.55
CA TYR A 83 -15.56 -1.15 -14.45
C TYR A 83 -16.40 -0.89 -15.70
N LEU A 84 -16.28 0.31 -16.23
CA LEU A 84 -17.13 0.70 -17.35
C LEU A 84 -16.52 0.35 -18.68
N CYS A 85 -15.63 -0.64 -18.66
CA CYS A 85 -15.13 -1.31 -19.87
C CYS A 85 -15.76 -2.68 -19.86
N LYS A 86 -15.86 -3.26 -18.67
CA LYS A 86 -16.30 -4.63 -18.51
C LYS A 86 -17.78 -4.79 -18.17
N LYS A 87 -18.51 -3.69 -18.13
CA LYS A 87 -19.95 -3.73 -17.83
C LYS A 87 -20.71 -2.55 -18.43
N GLN A 88 -21.99 -2.77 -18.75
CA GLN A 88 -22.84 -1.70 -19.27
C GLN A 88 -23.60 -1.04 -18.12
N GLY A 89 -23.68 0.29 -18.15
CA GLY A 89 -24.42 1.01 -17.13
C GLY A 89 -25.42 1.97 -17.73
N THR A 90 -26.55 2.15 -17.06
CA THR A 90 -27.61 3.06 -17.53
C THR A 90 -27.29 4.49 -17.14
N LYS A 91 -28.15 5.41 -17.60
CA LYS A 91 -28.05 6.84 -17.30
C LYS A 91 -28.54 7.11 -15.89
N LYS A 92 -29.37 6.21 -15.38
CA LYS A 92 -29.90 6.31 -14.03
C LYS A 92 -28.90 5.80 -13.02
N THR A 93 -28.47 4.55 -13.20
CA THR A 93 -27.58 3.90 -12.25
C THR A 93 -26.24 4.59 -12.16
N LEU A 94 -25.90 5.36 -13.19
CA LEU A 94 -24.62 6.02 -13.29
C LEU A 94 -24.17 6.72 -12.00
N GLN A 95 -25.13 7.11 -11.16
CA GLN A 95 -24.80 7.70 -9.86
C GLN A 95 -24.54 6.66 -8.77
N LYS A 96 -25.35 5.61 -8.74
CA LYS A 96 -25.08 4.46 -7.87
C LYS A 96 -23.64 3.99 -8.06
N ILE A 97 -23.28 3.83 -9.33
CA ILE A 97 -21.97 3.32 -9.71
C ILE A 97 -20.85 4.17 -9.14
N GLY A 98 -20.78 5.43 -9.55
CA GLY A 98 -19.75 6.33 -9.07
C GLY A 98 -19.70 6.51 -7.56
N ALA A 99 -20.77 6.14 -6.88
CA ALA A 99 -20.82 6.26 -5.42
C ALA A 99 -20.28 5.00 -4.79
N ALA A 100 -20.34 3.90 -5.56
CA ALA A 100 -19.72 2.66 -5.14
C ALA A 100 -18.19 2.74 -5.30
N CYS A 101 -17.75 3.41 -6.37
CA CYS A 101 -16.33 3.56 -6.61
C CYS A 101 -15.64 4.30 -5.51
N VAL A 102 -16.30 5.32 -4.99
CA VAL A 102 -15.80 6.09 -3.85
C VAL A 102 -15.87 5.24 -2.59
N LEU A 103 -16.89 4.41 -2.51
CA LEU A 103 -16.99 3.52 -1.36
C LEU A 103 -15.78 2.58 -1.33
N ILE A 104 -15.48 1.98 -2.48
CA ILE A 104 -14.36 1.05 -2.59
C ILE A 104 -13.02 1.77 -2.41
N GLY A 105 -12.83 2.85 -3.15
CA GLY A 105 -11.58 3.58 -3.15
C GLY A 105 -11.18 4.15 -1.81
N SER A 106 -12.17 4.46 -0.98
CA SER A 106 -11.95 5.01 0.35
C SER A 106 -11.45 3.94 1.29
N LYS A 107 -12.02 2.75 1.13
CA LYS A 107 -11.70 1.61 1.98
C LYS A 107 -10.25 1.24 1.78
N ILE A 108 -9.76 1.51 0.59
CA ILE A 108 -8.36 1.21 0.30
C ILE A 108 -7.41 2.34 0.68
N ARG A 109 -7.61 3.54 0.16
CA ARG A 109 -6.58 4.56 0.30
C ARG A 109 -6.75 5.58 1.44
N THR A 110 -7.78 5.39 2.27
CA THR A 110 -8.10 6.34 3.35
C THR A 110 -8.50 5.61 4.63
N VAL A 111 -8.10 6.18 5.76
CA VAL A 111 -8.23 5.50 7.05
C VAL A 111 -9.67 5.47 7.61
N LYS A 112 -10.41 6.57 7.44
CA LYS A 112 -11.84 6.59 7.71
C LYS A 112 -12.64 6.68 6.41
N PRO A 113 -13.13 5.52 5.93
CA PRO A 113 -13.94 5.38 4.71
C PRO A 113 -15.18 6.24 4.72
N MET A 114 -15.66 6.56 3.53
CA MET A 114 -17.01 7.04 3.40
C MET A 114 -17.88 5.87 3.83
N THR A 115 -19.05 6.16 4.37
CA THR A 115 -19.94 5.09 4.78
C THR A 115 -21.03 4.94 3.74
N VAL A 116 -21.90 3.97 3.94
CA VAL A 116 -22.98 3.75 2.99
C VAL A 116 -24.03 4.82 3.23
N SER A 117 -24.21 5.18 4.50
CA SER A 117 -25.18 6.20 4.89
C SER A 117 -24.86 7.51 4.19
N LYS A 118 -23.70 8.08 4.51
CA LYS A 118 -23.24 9.32 3.89
C LYS A 118 -23.32 9.25 2.35
N LEU A 119 -23.12 8.08 1.76
CA LEU A 119 -23.14 7.96 0.31
C LEU A 119 -24.55 7.81 -0.27
N THR A 120 -25.49 7.36 0.56
CA THR A 120 -26.87 7.16 0.13
C THR A 120 -27.80 8.27 0.59
N TYR A 121 -27.69 8.64 1.88
CA TYR A 121 -28.48 9.72 2.45
C TYR A 121 -28.42 10.97 1.58
N LEU A 122 -27.25 11.24 0.98
CA LEU A 122 -27.16 12.22 -0.10
C LEU A 122 -26.87 11.61 -1.47
N SER A 123 -27.93 11.27 -2.20
CA SER A 123 -27.84 10.89 -3.62
C SER A 123 -29.20 10.76 -4.30
N PHE A 127 -31.03 5.92 -4.44
CA PHE A 127 -30.80 4.48 -4.34
C PHE A 127 -30.68 4.01 -2.88
N THR A 128 -31.05 2.76 -2.61
CA THR A 128 -31.10 2.26 -1.22
C THR A 128 -29.75 1.78 -0.66
N ASN A 129 -29.70 1.56 0.65
CA ASN A 129 -28.48 1.09 1.31
C ASN A 129 -28.08 -0.30 0.89
N LEU A 130 -29.01 -1.05 0.31
CA LEU A 130 -28.71 -2.39 -0.17
C LEU A 130 -28.24 -2.34 -1.60
N GLU A 131 -28.97 -1.61 -2.44
CA GLU A 131 -28.62 -1.51 -3.85
C GLU A 131 -27.19 -1.04 -4.07
N LEU A 132 -26.76 -0.09 -3.25
CA LEU A 132 -25.40 0.41 -3.30
C LEU A 132 -24.40 -0.68 -2.93
N ILE A 133 -24.69 -1.43 -1.87
CA ILE A 133 -23.80 -2.50 -1.45
C ILE A 133 -23.67 -3.55 -2.56
N ASN A 134 -24.80 -3.98 -3.10
CA ASN A 134 -24.82 -4.89 -4.24
C ASN A 134 -24.03 -4.35 -5.42
N GLN A 135 -23.94 -3.02 -5.50
CA GLN A 135 -23.19 -2.37 -6.57
C GLN A 135 -21.70 -2.33 -6.23
N GLU A 136 -21.36 -2.40 -4.95
CA GLU A 136 -19.96 -2.55 -4.57
C GLU A 136 -19.56 -3.93 -5.02
N LYS A 137 -20.44 -4.89 -4.75
CA LYS A 137 -20.25 -6.28 -5.16
C LYS A 137 -19.98 -6.35 -6.64
N ASP A 138 -20.93 -5.90 -7.44
CA ASP A 138 -20.83 -5.94 -8.89
C ASP A 138 -19.53 -5.39 -9.46
N ILE A 139 -19.03 -4.32 -8.87
CA ILE A 139 -17.77 -3.76 -9.33
C ILE A 139 -16.61 -4.61 -8.82
N LEU A 140 -16.79 -5.24 -7.67
CA LEU A 140 -15.75 -6.10 -7.13
C LEU A 140 -15.56 -7.35 -7.99
N GLU A 141 -16.67 -8.01 -8.34
CA GLU A 141 -16.63 -9.15 -9.25
C GLU A 141 -15.99 -8.74 -10.57
N ALA A 142 -16.73 -7.98 -11.37
CA ALA A 142 -16.28 -7.52 -12.70
C ALA A 142 -14.77 -7.27 -12.86
N LEU A 143 -14.14 -6.75 -11.82
CA LEU A 143 -12.70 -6.47 -11.85
C LEU A 143 -11.94 -7.59 -11.17
N LYS A 144 -12.68 -8.59 -10.71
CA LYS A 144 -12.11 -9.76 -10.04
C LYS A 144 -11.23 -9.29 -8.89
N TRP A 145 -11.70 -8.24 -8.22
CA TRP A 145 -11.07 -7.67 -7.03
C TRP A 145 -9.71 -7.06 -7.27
N ASP A 146 -9.33 -6.87 -8.52
CA ASP A 146 -8.07 -6.18 -8.80
C ASP A 146 -8.33 -4.68 -8.85
N THR A 147 -8.30 -4.08 -7.67
CA THR A 147 -8.89 -2.77 -7.50
C THR A 147 -7.86 -1.67 -7.47
N GLU A 148 -6.72 -1.96 -6.85
CA GLU A 148 -5.68 -0.94 -6.72
C GLU A 148 -5.15 -0.60 -8.13
N ALA A 149 -4.29 0.41 -8.22
CA ALA A 149 -3.84 0.92 -9.50
C ALA A 149 -2.75 1.92 -9.24
N VAL A 150 -2.13 2.39 -10.31
CA VAL A 150 -1.12 3.39 -10.12
C VAL A 150 -1.82 4.71 -10.38
N LEU A 151 -1.84 5.57 -9.38
CA LEU A 151 -2.58 6.81 -9.47
C LEU A 151 -1.60 7.92 -9.75
N ALA A 152 -2.07 8.95 -10.44
CA ALA A 152 -1.23 10.06 -10.85
C ALA A 152 -0.56 10.66 -9.64
N THR A 153 -1.24 10.50 -8.52
CA THR A 153 -0.86 11.00 -7.22
C THR A 153 0.39 10.30 -6.67
N ASP A 154 0.60 9.05 -7.09
CA ASP A 154 1.63 8.19 -6.52
C ASP A 154 3.00 8.69 -6.87
N PHE A 155 3.06 9.55 -7.89
CA PHE A 155 4.31 9.96 -8.51
C PHE A 155 4.88 11.26 -7.99
N LEU A 156 4.11 12.02 -7.23
CA LEU A 156 4.53 13.38 -6.85
C LEU A 156 5.84 13.41 -6.11
N ILE A 157 5.91 12.69 -5.01
CA ILE A 157 7.10 12.77 -4.21
C ILE A 157 8.34 12.18 -4.87
N PRO A 158 8.24 10.94 -5.40
CA PRO A 158 9.37 10.39 -6.16
C PRO A 158 9.82 11.29 -7.31
N LEU A 159 8.88 12.01 -7.93
CA LEU A 159 9.25 12.98 -8.94
C LEU A 159 9.89 14.22 -8.36
N CYS A 160 9.64 14.48 -7.09
CA CYS A 160 10.21 15.65 -6.41
C CYS A 160 11.63 15.34 -5.95
N ASN A 161 11.82 14.10 -5.52
CA ASN A 161 13.12 13.60 -5.17
C ASN A 161 14.01 13.55 -6.40
N ALA A 162 13.47 12.95 -7.45
CA ALA A 162 14.18 12.80 -8.71
C ALA A 162 14.62 14.14 -9.25
N LEU A 163 13.81 15.15 -9.01
CA LEU A 163 14.08 16.46 -9.56
C LEU A 163 14.98 17.29 -8.68
N LYS A 164 15.58 16.64 -7.68
CA LYS A 164 16.37 17.32 -6.65
C LYS A 164 15.71 18.63 -6.26
N ILE A 165 14.47 18.57 -5.81
CA ILE A 165 13.79 19.73 -5.29
C ILE A 165 14.05 19.70 -3.80
N PRO A 166 14.33 20.89 -3.20
CA PRO A 166 14.72 20.88 -1.79
C PRO A 166 13.62 20.28 -0.94
N GLU A 167 13.96 19.21 -0.23
CA GLU A 167 13.03 18.40 0.54
C GLU A 167 11.94 19.14 1.33
N ASP A 168 12.26 20.33 1.81
CA ASP A 168 11.33 21.06 2.65
C ASP A 168 10.24 21.81 1.87
N LEU A 169 10.34 21.81 0.54
CA LEU A 169 9.27 22.40 -0.25
C LEU A 169 8.21 21.37 -0.58
N TRP A 170 8.47 20.11 -0.27
CA TRP A 170 7.51 19.05 -0.57
C TRP A 170 6.11 19.17 0.09
N PRO A 171 6.01 19.66 1.35
CA PRO A 171 4.66 19.66 1.95
C PRO A 171 3.73 20.60 1.22
N GLN A 172 4.22 21.76 0.82
CA GLN A 172 3.36 22.69 0.13
C GLN A 172 3.06 22.21 -1.27
N LEU A 173 4.11 21.81 -1.97
CA LEU A 173 3.95 21.32 -3.34
C LEU A 173 3.05 20.11 -3.40
N TYR A 174 3.18 19.18 -2.46
CA TYR A 174 2.26 18.07 -2.40
C TYR A 174 0.82 18.55 -2.28
N GLU A 175 0.59 19.58 -1.48
CA GLU A 175 -0.78 20.00 -1.24
C GLU A 175 -1.34 20.69 -2.47
N ALA A 176 -0.54 21.59 -3.03
CA ALA A 176 -0.92 22.35 -4.23
C ALA A 176 -1.16 21.43 -5.41
N ALA A 177 -0.14 20.67 -5.76
CA ALA A 177 -0.18 19.86 -6.96
C ALA A 177 -1.20 18.71 -6.91
N SER A 178 -1.28 18.02 -5.79
CA SER A 178 -2.27 16.93 -5.67
C SER A 178 -3.68 17.46 -5.88
N THR A 179 -3.85 18.74 -5.58
CA THR A 179 -5.14 19.40 -5.68
C THR A 179 -5.42 19.78 -7.11
N THR A 180 -4.43 20.38 -7.74
CA THR A 180 -4.53 20.69 -9.15
C THR A 180 -4.76 19.39 -9.95
N ILE A 181 -3.95 18.37 -9.70
CA ILE A 181 -4.14 17.08 -10.35
C ILE A 181 -5.57 16.55 -10.25
N CYS A 182 -6.09 16.41 -9.03
CA CYS A 182 -7.40 15.79 -8.80
C CYS A 182 -8.55 16.43 -9.57
N LYS A 183 -8.52 17.75 -9.75
CA LYS A 183 -9.56 18.44 -10.51
C LYS A 183 -9.46 18.20 -12.02
N ALA A 184 -8.22 18.12 -12.51
CA ALA A 184 -7.97 17.81 -13.92
C ALA A 184 -8.60 16.47 -14.23
N LEU A 185 -8.26 15.47 -13.42
CA LEU A 185 -8.76 14.12 -13.59
C LEU A 185 -10.23 13.99 -13.86
N ILE A 186 -11.00 15.06 -13.64
CA ILE A 186 -12.44 15.14 -13.88
C ILE A 186 -12.70 15.16 -15.39
N GLN A 187 -11.88 15.93 -16.08
CA GLN A 187 -11.93 16.05 -17.53
C GLN A 187 -11.55 14.77 -18.28
N PRO A 188 -12.31 14.47 -19.33
CA PRO A 188 -12.14 13.41 -20.34
C PRO A 188 -10.72 13.23 -20.88
N ASN A 189 -10.15 14.27 -21.46
CA ASN A 189 -8.87 14.12 -22.15
C ASN A 189 -7.66 13.84 -21.26
N ILE A 190 -7.87 13.86 -19.95
CA ILE A 190 -6.83 13.56 -18.98
C ILE A 190 -6.83 12.06 -18.70
N ALA A 191 -7.94 11.40 -19.05
CA ALA A 191 -8.11 9.98 -18.74
C ALA A 191 -7.24 9.06 -19.58
N LEU A 192 -6.70 9.59 -20.68
CA LEU A 192 -5.89 8.82 -21.59
C LEU A 192 -4.42 8.86 -21.21
N LEU A 193 -4.00 10.02 -20.73
CA LEU A 193 -2.61 10.23 -20.35
C LEU A 193 -2.18 9.25 -19.27
N SER A 194 -0.88 8.98 -19.21
CA SER A 194 -0.36 7.99 -18.31
C SER A 194 -0.06 8.69 -17.01
N PRO A 195 -0.35 8.02 -15.88
CA PRO A 195 -0.31 8.57 -14.52
C PRO A 195 0.92 9.41 -14.28
N GLY A 196 2.07 8.94 -14.72
CA GLY A 196 3.30 9.68 -14.49
C GLY A 196 3.23 11.02 -15.15
N LEU A 197 2.62 11.07 -16.32
CA LEU A 197 2.62 12.30 -17.08
C LEU A 197 1.66 13.32 -16.52
N ILE A 198 0.46 12.85 -16.17
CA ILE A 198 -0.55 13.67 -15.53
C ILE A 198 0.06 14.35 -14.31
N CYS A 199 0.79 13.56 -13.53
CA CYS A 199 1.49 14.08 -12.37
C CYS A 199 2.54 15.13 -12.70
N ALA A 200 3.36 14.89 -13.72
CA ALA A 200 4.41 15.83 -14.09
C ALA A 200 3.80 17.17 -14.44
N GLY A 201 2.65 17.14 -15.10
CA GLY A 201 1.94 18.35 -15.47
C GLY A 201 1.54 19.10 -14.20
N GLY A 202 0.96 18.34 -13.26
CA GLY A 202 0.63 18.84 -11.95
C GLY A 202 1.72 19.71 -11.36
N LEU A 203 2.94 19.17 -11.22
CA LEU A 203 3.99 19.94 -10.59
C LEU A 203 4.29 21.21 -11.36
N LEU A 204 4.33 21.10 -12.67
CA LEU A 204 4.73 22.24 -13.50
C LEU A 204 3.67 23.30 -13.51
N THR A 205 2.42 22.90 -13.77
CA THR A 205 1.27 23.78 -13.61
C THR A 205 1.28 24.52 -12.27
N THR A 206 1.79 23.85 -11.25
CA THR A 206 1.79 24.39 -9.90
C THR A 206 2.96 25.31 -9.66
N ILE A 207 4.16 24.81 -9.95
CA ILE A 207 5.37 25.59 -9.78
C ILE A 207 5.28 26.92 -10.51
N GLU A 208 4.65 26.89 -11.68
CA GLU A 208 4.42 28.10 -12.45
C GLU A 208 3.59 29.08 -11.62
N THR A 209 2.42 28.61 -11.17
CA THR A 209 1.48 29.43 -10.43
C THR A 209 2.08 30.07 -9.16
N ASP A 210 2.52 29.22 -8.24
CA ASP A 210 2.90 29.68 -6.90
C ASP A 210 4.23 30.40 -6.84
N ASN A 211 5.03 30.27 -7.89
CA ASN A 211 6.40 30.81 -7.89
C ASN A 211 7.22 30.29 -6.72
N THR A 212 7.03 29.01 -6.40
CA THR A 212 7.73 28.40 -5.28
C THR A 212 9.23 28.51 -5.50
N ASN A 213 10.00 28.69 -4.42
CA ASN A 213 11.45 28.94 -4.54
C ASN A 213 12.25 27.85 -5.28
N CYS A 214 11.76 27.44 -6.44
CA CYS A 214 12.42 26.44 -7.25
C CYS A 214 13.23 27.15 -8.33
N ARG A 215 13.53 26.43 -9.42
CA ARG A 215 13.89 27.08 -10.67
C ARG A 215 12.56 27.49 -11.31
N PRO A 216 12.60 28.24 -12.42
CA PRO A 216 11.29 28.37 -13.07
C PRO A 216 11.01 27.06 -13.80
N TRP A 217 9.73 26.76 -13.99
CA TRP A 217 9.26 25.43 -14.41
C TRP A 217 9.86 24.85 -15.70
N THR A 218 10.25 25.73 -16.62
CA THR A 218 10.87 25.32 -17.86
C THR A 218 12.24 24.67 -17.62
N CYS A 219 12.74 24.78 -16.38
CA CYS A 219 14.05 24.25 -16.06
C CYS A 219 13.92 22.85 -15.49
N TYR A 220 12.72 22.30 -15.63
CA TYR A 220 12.40 20.96 -15.14
C TYR A 220 11.85 20.14 -16.31
N LEU A 221 11.62 20.81 -17.43
CA LEU A 221 11.15 20.18 -18.65
C LEU A 221 12.14 19.15 -19.22
N GLU A 222 13.41 19.53 -19.37
CA GLU A 222 14.39 18.64 -19.99
C GLU A 222 14.77 17.49 -19.09
N ASP A 223 14.41 17.56 -17.82
CA ASP A 223 14.80 16.52 -16.89
C ASP A 223 13.59 15.63 -16.60
N LEU A 224 12.41 16.18 -16.71
CA LEU A 224 11.23 15.37 -16.58
C LEU A 224 11.09 14.47 -17.81
N SER A 225 11.65 14.95 -18.92
CA SER A 225 11.84 14.18 -20.16
C SER A 225 12.68 12.95 -19.84
N SER A 226 13.89 13.21 -19.36
CA SER A 226 14.79 12.17 -18.92
C SER A 226 14.15 11.22 -17.92
N ILE A 227 13.52 11.76 -16.89
CA ILE A 227 13.02 10.94 -15.79
C ILE A 227 11.91 9.97 -16.22
N LEU A 228 10.95 10.47 -16.99
CA LEU A 228 9.79 9.68 -17.34
C LEU A 228 9.98 8.93 -18.65
N ASN A 229 10.91 9.43 -19.45
CA ASN A 229 11.26 8.85 -20.74
C ASN A 229 10.24 9.14 -21.83
N PHE A 230 9.96 10.44 -21.97
CA PHE A 230 9.09 10.98 -22.99
C PHE A 230 9.82 12.16 -23.59
N SER A 231 9.26 12.75 -24.63
CA SER A 231 9.92 13.86 -25.31
C SER A 231 9.56 15.17 -24.65
N THR A 232 10.49 16.12 -24.64
CA THR A 232 10.23 17.45 -24.10
C THR A 232 9.03 18.14 -24.74
N ASN A 233 8.36 17.49 -25.69
CA ASN A 233 7.16 18.06 -26.27
C ASN A 233 5.94 17.45 -25.60
N THR A 234 5.99 16.14 -25.37
CA THR A 234 4.94 15.42 -24.66
C THR A 234 4.77 15.99 -23.25
N VAL A 235 5.88 16.39 -22.65
CA VAL A 235 5.83 16.97 -21.33
C VAL A 235 5.10 18.31 -21.37
N ARG A 236 5.55 19.21 -22.23
CA ARG A 236 4.84 20.49 -22.44
C ARG A 236 3.36 20.30 -22.71
N THR A 237 2.97 19.38 -23.59
CA THR A 237 1.57 19.23 -23.93
C THR A 237 0.79 18.74 -22.73
N VAL A 238 1.45 17.93 -21.92
CA VAL A 238 0.77 17.30 -20.80
C VAL A 238 0.58 18.33 -19.70
N LYS A 239 1.46 19.32 -19.66
CA LYS A 239 1.33 20.42 -18.74
C LYS A 239 0.12 21.26 -19.18
N ASP A 240 0.18 21.73 -20.42
CA ASP A 240 -0.87 22.55 -20.98
C ASP A 240 -2.23 21.93 -20.82
N GLN A 241 -2.32 20.66 -21.19
CA GLN A 241 -3.55 19.88 -21.12
C GLN A 241 -4.12 19.87 -19.73
N VAL A 242 -3.22 19.79 -18.76
CA VAL A 242 -3.58 19.62 -17.35
C VAL A 242 -4.05 20.94 -16.72
N SER A 243 -3.20 21.97 -16.80
CA SER A 243 -3.57 23.33 -16.48
C SER A 243 -4.95 23.68 -17.05
N GLU A 244 -5.15 23.34 -18.31
CA GLU A 244 -6.43 23.58 -18.94
C GLU A 244 -7.56 22.82 -18.25
N ALA A 245 -7.36 21.55 -17.97
CA ALA A 245 -8.39 20.74 -17.33
C ALA A 245 -8.71 21.26 -15.93
N PHE A 246 -7.68 21.79 -15.26
CA PHE A 246 -7.88 22.47 -13.99
C PHE A 246 -8.87 23.61 -14.18
N SER A 247 -8.45 24.59 -14.97
CA SER A 247 -9.27 25.70 -15.41
C SER A 247 -10.71 25.35 -15.83
N LEU A 248 -10.98 24.12 -16.25
CA LEU A 248 -12.31 23.76 -16.74
C LEU A 248 -13.27 23.30 -15.66
N TYR A 249 -12.92 23.57 -14.40
CA TYR A 249 -13.70 23.08 -13.27
C TYR A 249 -14.85 24.01 -12.93
N ASP A 250 -16.04 23.43 -12.84
CA ASP A 250 -17.23 24.22 -12.63
C ASP A 250 -18.31 23.43 -11.90
N LEU A 251 -18.66 23.89 -10.70
CA LEU A 251 -19.60 23.17 -9.87
C LEU A 251 -21.01 23.39 -10.36
N GLU A 252 -21.19 24.48 -11.09
CA GLU A 252 -22.51 24.84 -11.62
C GLU A 252 -22.87 23.94 -12.81
N ILE A 253 -21.98 23.01 -13.11
CA ILE A 253 -22.22 21.98 -14.10
C ILE A 253 -23.19 20.95 -13.53
N LEU A 254 -23.24 20.87 -12.20
CA LEU A 254 -24.00 19.81 -11.53
C LEU A 254 -25.49 19.77 -11.89
N CYS B 15 -13.45 -28.79 3.23
CA CYS B 15 -12.66 -28.25 4.34
C CYS B 15 -12.30 -29.36 5.31
N VAL B 16 -11.17 -29.22 6.00
CA VAL B 16 -10.69 -30.24 6.92
C VAL B 16 -10.40 -29.72 8.32
N ALA B 17 -9.22 -29.11 8.49
CA ALA B 17 -8.76 -28.68 9.80
C ALA B 17 -8.29 -27.23 9.77
N GLU B 18 -8.88 -26.42 10.63
CA GLU B 18 -8.53 -25.00 10.73
C GLU B 18 -7.06 -24.82 11.06
N ILE B 19 -6.44 -23.81 10.46
CA ILE B 19 -5.05 -23.49 10.74
C ILE B 19 -4.87 -22.03 11.16
N GLY B 20 -5.98 -21.34 11.42
CA GLY B 20 -5.95 -19.93 11.82
C GLY B 20 -7.26 -19.38 12.38
N GLU B 21 -7.15 -18.55 13.41
CA GLU B 21 -8.32 -17.97 14.07
C GLU B 21 -8.66 -16.60 13.49
N LYS B 26 -11.07 -16.81 10.64
CA LYS B 26 -11.17 -18.24 10.40
C LYS B 26 -10.49 -18.65 9.09
N VAL B 27 -9.45 -19.47 9.21
CA VAL B 27 -8.63 -19.89 8.05
C VAL B 27 -8.55 -21.43 7.91
N PHE B 28 -9.25 -21.96 6.91
CA PHE B 28 -9.39 -23.42 6.74
C PHE B 28 -8.22 -24.13 6.04
N LYS B 29 -8.55 -25.31 5.51
CA LYS B 29 -7.61 -26.16 4.79
C LYS B 29 -8.42 -27.25 4.10
N ALA B 30 -8.32 -27.32 2.77
CA ALA B 30 -9.13 -28.25 1.99
C ALA B 30 -8.46 -28.68 0.69
N ARG B 31 -9.25 -29.29 -0.19
CA ARG B 31 -8.78 -29.71 -1.49
C ARG B 31 -9.69 -29.17 -2.60
N ASP B 32 -9.39 -29.54 -3.84
CA ASP B 32 -10.05 -28.94 -4.99
C ASP B 32 -10.47 -29.94 -6.08
N LEU B 33 -11.46 -29.54 -6.88
CA LEU B 33 -12.00 -30.39 -7.94
C LEU B 33 -11.06 -30.51 -9.15
N LYS B 34 -10.13 -29.58 -9.27
CA LYS B 34 -9.14 -29.64 -10.34
C LYS B 34 -8.21 -30.82 -10.10
N ASN B 35 -7.26 -30.65 -9.17
CA ASN B 35 -6.32 -31.71 -8.83
C ASN B 35 -7.03 -32.94 -8.28
N GLY B 37 -6.41 -33.92 -5.35
CA GLY B 37 -6.87 -33.34 -4.11
C GLY B 37 -5.80 -32.48 -3.45
N ARG B 38 -5.24 -31.56 -4.23
CA ARG B 38 -4.14 -30.72 -3.77
C ARG B 38 -4.49 -29.86 -2.56
N PHE B 39 -3.46 -29.36 -1.90
CA PHE B 39 -3.62 -28.54 -0.69
C PHE B 39 -3.78 -27.05 -1.01
N VAL B 40 -4.80 -26.45 -0.42
CA VAL B 40 -4.99 -25.01 -0.50
C VAL B 40 -5.40 -24.51 0.87
N ALA B 41 -5.16 -23.24 1.12
CA ALA B 41 -5.72 -22.58 2.29
C ALA B 41 -7.01 -21.87 1.88
N LEU B 42 -8.05 -22.08 2.68
CA LEU B 42 -9.30 -21.34 2.52
C LEU B 42 -9.43 -20.34 3.67
N LYS B 43 -9.83 -19.11 3.32
CA LYS B 43 -10.17 -18.09 4.30
C LYS B 43 -11.61 -17.67 4.02
N ARG B 44 -12.55 -18.31 4.72
CA ARG B 44 -13.97 -18.00 4.54
C ARG B 44 -14.40 -16.78 5.37
N VAL B 45 -14.16 -15.58 4.83
CA VAL B 45 -14.37 -14.32 5.54
C VAL B 45 -15.85 -14.01 5.77
N ARG B 46 -16.25 -13.87 7.04
CA ARG B 46 -17.65 -13.66 7.35
C ARG B 46 -18.03 -12.19 7.28
N VAL B 47 -18.96 -11.87 6.38
CA VAL B 47 -19.34 -10.48 6.08
C VAL B 47 -20.43 -9.95 7.02
N GLU B 52 -22.52 -1.93 5.34
CA GLU B 52 -21.18 -1.45 5.03
C GLU B 52 -20.55 -2.07 3.79
N GLY B 53 -21.09 -3.19 3.34
CA GLY B 53 -20.50 -3.90 2.22
C GLY B 53 -19.28 -4.68 2.68
N MET B 54 -18.40 -5.01 1.73
CA MET B 54 -17.27 -5.91 2.00
C MET B 54 -16.30 -5.34 3.01
N PRO B 55 -15.86 -6.15 3.98
CA PRO B 55 -14.94 -5.75 5.05
C PRO B 55 -13.77 -4.95 4.47
N LEU B 56 -13.44 -3.86 5.13
CA LEU B 56 -12.43 -2.94 4.64
C LEU B 56 -11.13 -3.69 4.40
N SER B 57 -10.82 -4.59 5.33
CA SER B 57 -9.50 -5.18 5.40
C SER B 57 -9.25 -6.19 4.31
N THR B 58 -10.23 -7.05 4.05
CA THR B 58 -10.02 -8.03 2.99
C THR B 58 -9.94 -7.34 1.64
N ILE B 59 -10.69 -6.26 1.45
CA ILE B 59 -10.61 -5.52 0.20
C ILE B 59 -9.21 -4.94 0.02
N ARG B 60 -8.63 -4.44 1.10
CA ARG B 60 -7.23 -4.00 1.08
C ARG B 60 -6.27 -5.13 0.78
N GLU B 61 -6.39 -6.22 1.55
CA GLU B 61 -5.54 -7.39 1.40
C GLU B 61 -5.45 -7.85 -0.06
N VAL B 62 -6.59 -8.25 -0.63
CA VAL B 62 -6.67 -8.72 -2.00
C VAL B 62 -6.18 -7.70 -3.01
N ALA B 63 -6.55 -6.44 -2.80
CA ALA B 63 -6.23 -5.38 -3.75
C ALA B 63 -4.73 -5.30 -4.00
N VAL B 64 -3.98 -5.42 -2.90
CA VAL B 64 -2.52 -5.34 -2.94
C VAL B 64 -1.95 -6.58 -3.60
N LEU B 65 -2.43 -7.74 -3.18
CA LEU B 65 -1.94 -9.02 -3.67
C LEU B 65 -2.15 -9.19 -5.17
N ARG B 66 -3.28 -8.73 -5.70
CA ARG B 66 -3.50 -8.82 -7.14
C ARG B 66 -2.75 -7.71 -7.87
N HIS B 67 -2.30 -6.71 -7.13
CA HIS B 67 -1.68 -5.57 -7.79
C HIS B 67 -0.28 -5.99 -8.12
N LEU B 68 0.29 -6.79 -7.24
CA LEU B 68 1.70 -7.09 -7.29
C LEU B 68 1.98 -8.49 -7.83
N GLU B 69 0.92 -9.27 -8.05
CA GLU B 69 1.06 -10.70 -8.31
C GLU B 69 1.86 -11.10 -9.54
N THR B 70 1.76 -10.32 -10.62
CA THR B 70 2.48 -10.68 -11.84
C THR B 70 3.97 -10.62 -11.64
N PHE B 71 4.42 -9.93 -10.60
CA PHE B 71 5.84 -9.89 -10.26
C PHE B 71 6.30 -11.24 -9.71
N GLU B 72 5.34 -12.10 -9.41
CA GLU B 72 5.60 -13.43 -8.82
C GLU B 72 6.79 -13.47 -7.86
N HIS B 73 6.72 -12.76 -6.73
CA HIS B 73 7.82 -12.78 -5.76
C HIS B 73 7.77 -14.05 -4.93
N PRO B 74 8.92 -14.72 -4.79
CA PRO B 74 9.13 -15.97 -4.06
C PRO B 74 8.49 -15.93 -2.67
N ASN B 75 8.48 -14.74 -2.08
CA ASN B 75 8.27 -14.64 -0.65
C ASN B 75 6.92 -14.12 -0.17
N VAL B 76 5.92 -14.20 -1.05
CA VAL B 76 4.60 -13.70 -0.75
C VAL B 76 3.58 -14.68 -1.28
N VAL B 77 2.72 -15.17 -0.41
CA VAL B 77 1.71 -16.16 -0.76
C VAL B 77 0.93 -15.72 -2.01
N ARG B 78 0.49 -16.69 -2.80
CA ARG B 78 -0.35 -16.42 -3.96
C ARG B 78 -1.84 -16.50 -3.57
N LEU B 79 -2.68 -15.78 -4.31
CA LEU B 79 -4.14 -15.87 -4.12
C LEU B 79 -4.79 -16.39 -5.40
N PHE B 80 -5.79 -17.23 -5.25
CA PHE B 80 -6.37 -17.88 -6.43
C PHE B 80 -7.75 -17.39 -6.86
N ASP B 81 -8.60 -17.01 -5.91
CA ASP B 81 -9.95 -16.62 -6.28
C ASP B 81 -10.72 -15.97 -5.13
N VAL B 82 -11.87 -15.41 -5.47
CA VAL B 82 -12.82 -14.89 -4.49
C VAL B 82 -14.23 -15.26 -4.99
N CYS B 83 -15.17 -15.40 -4.05
CA CYS B 83 -16.56 -15.70 -4.40
C CYS B 83 -17.53 -15.44 -3.22
N THR B 84 -18.79 -15.12 -3.55
CA THR B 84 -19.79 -14.76 -2.55
C THR B 84 -20.95 -15.77 -2.51
N THR B 92 -24.97 -13.35 4.18
CA THR B 92 -24.35 -14.15 3.13
C THR B 92 -22.82 -14.24 3.31
N LYS B 93 -22.19 -15.28 2.77
CA LYS B 93 -20.79 -15.59 3.08
C LYS B 93 -19.77 -15.42 1.94
N LEU B 94 -18.50 -15.32 2.32
CA LEU B 94 -17.41 -14.97 1.40
C LEU B 94 -16.21 -15.90 1.55
N THR B 95 -15.64 -16.32 0.42
CA THR B 95 -14.53 -17.29 0.46
C THR B 95 -13.29 -16.83 -0.30
N LEU B 96 -12.16 -16.83 0.40
CA LEU B 96 -10.92 -16.27 -0.12
C LEU B 96 -9.85 -17.36 -0.18
N VAL B 97 -9.37 -17.65 -1.39
CA VAL B 97 -8.65 -18.90 -1.64
C VAL B 97 -7.16 -18.76 -2.01
N PHE B 98 -6.28 -19.29 -1.16
CA PHE B 98 -4.85 -19.10 -1.29
C PHE B 98 -4.04 -20.36 -1.61
N GLU B 99 -2.72 -20.23 -1.68
CA GLU B 99 -1.85 -21.40 -1.71
C GLU B 99 -1.60 -21.91 -0.29
N HIS B 100 -1.45 -23.22 -0.14
CA HIS B 100 -1.19 -23.83 1.16
C HIS B 100 0.28 -23.91 1.47
N VAL B 101 0.60 -23.75 2.75
CA VAL B 101 1.96 -23.89 3.23
C VAL B 101 1.96 -24.94 4.32
N ASP B 102 3.05 -25.71 4.38
CA ASP B 102 3.31 -26.72 5.41
C ASP B 102 2.87 -26.21 6.80
N GLN B 103 3.53 -25.15 7.26
CA GLN B 103 3.28 -24.65 8.59
C GLN B 103 3.63 -23.18 8.74
N ASP B 104 3.10 -22.55 9.77
CA ASP B 104 3.52 -21.23 10.16
C ASP B 104 4.78 -21.35 10.98
N LEU B 105 5.64 -20.34 10.91
CA LEU B 105 6.84 -20.27 11.72
C LEU B 105 6.56 -20.44 13.23
N THR B 106 5.32 -20.21 13.65
CA THR B 106 4.93 -20.45 15.04
C THR B 106 5.02 -21.94 15.38
N THR B 107 4.43 -22.79 14.54
CA THR B 107 4.50 -24.24 14.74
C THR B 107 5.93 -24.74 14.57
N TYR B 108 6.63 -24.13 13.62
CA TYR B 108 8.01 -24.50 13.36
C TYR B 108 8.86 -24.37 14.62
N LEU B 109 9.02 -23.15 15.11
CA LEU B 109 9.82 -22.90 16.31
C LEU B 109 9.36 -23.69 17.55
N ASP B 110 8.10 -24.10 17.56
CA ASP B 110 7.51 -24.79 18.71
C ASP B 110 7.76 -26.29 18.71
N LYS B 111 8.49 -26.78 17.69
CA LYS B 111 8.74 -28.22 17.56
C LYS B 111 10.06 -28.60 16.87
N VAL B 112 10.82 -27.61 16.42
CA VAL B 112 12.12 -27.88 15.80
C VAL B 112 13.12 -28.50 16.80
N PRO B 113 13.54 -29.75 16.54
CA PRO B 113 14.41 -30.54 17.43
C PRO B 113 15.55 -29.75 18.06
N GLU B 114 15.77 -29.98 19.35
CA GLU B 114 16.81 -29.30 20.14
C GLU B 114 18.17 -29.55 19.51
N PRO B 115 19.04 -28.52 19.47
CA PRO B 115 18.89 -27.16 20.04
C PRO B 115 18.19 -26.16 19.12
N GLY B 116 16.96 -26.43 18.70
CA GLY B 116 16.20 -25.50 17.89
C GLY B 116 16.76 -25.23 16.50
N VAL B 117 16.18 -24.24 15.82
CA VAL B 117 16.58 -23.85 14.47
C VAL B 117 18.10 -23.75 14.33
N PRO B 118 18.64 -24.40 13.31
CA PRO B 118 20.11 -24.38 13.17
C PRO B 118 20.65 -23.05 12.71
N THR B 119 21.67 -22.56 13.42
CA THR B 119 22.62 -21.54 12.96
C THR B 119 22.27 -20.88 11.65
N GLU B 120 22.45 -21.65 10.58
CA GLU B 120 22.42 -21.13 9.20
C GLU B 120 21.04 -21.13 8.56
N THR B 121 20.16 -22.03 9.01
CA THR B 121 18.77 -21.96 8.60
C THR B 121 18.23 -20.61 9.05
N ILE B 122 18.68 -20.18 10.22
CA ILE B 122 18.35 -18.88 10.78
C ILE B 122 18.83 -17.74 9.89
N LYS B 123 20.09 -17.74 9.49
CA LYS B 123 20.63 -16.71 8.60
C LYS B 123 19.81 -16.62 7.29
N ASP B 124 19.21 -17.74 6.94
CA ASP B 124 18.65 -17.92 5.61
C ASP B 124 17.24 -17.35 5.56
N MET B 125 16.46 -17.65 6.57
CA MET B 125 15.10 -17.15 6.64
C MET B 125 15.06 -15.64 6.92
N MET B 126 16.08 -15.15 7.58
CA MET B 126 16.25 -13.72 7.76
C MET B 126 16.48 -13.04 6.43
N PHE B 127 17.12 -13.76 5.52
CA PHE B 127 17.40 -13.24 4.19
C PHE B 127 16.09 -13.12 3.40
N GLN B 128 15.35 -14.21 3.32
CA GLN B 128 14.11 -14.25 2.53
C GLN B 128 13.08 -13.29 3.06
N LEU B 129 13.04 -13.15 4.38
CA LEU B 129 12.16 -12.21 5.03
C LEU B 129 12.49 -10.78 4.61
N LEU B 130 13.77 -10.44 4.66
CA LEU B 130 14.20 -9.11 4.31
C LEU B 130 14.14 -8.88 2.81
N ARG B 131 13.90 -9.97 2.08
CA ARG B 131 13.89 -9.95 0.63
C ARG B 131 12.48 -9.66 0.15
N GLY B 132 11.51 -10.40 0.71
CA GLY B 132 10.12 -10.23 0.36
C GLY B 132 9.58 -8.93 0.93
N LEU B 133 10.43 -8.23 1.68
CA LEU B 133 10.05 -7.05 2.40
C LEU B 133 10.82 -5.90 1.80
N ASP B 134 11.87 -6.25 1.06
CA ASP B 134 12.52 -5.25 0.21
C ASP B 134 11.62 -5.11 -1.00
N PHE B 135 11.01 -6.21 -1.39
CA PHE B 135 10.03 -6.24 -2.45
C PHE B 135 8.98 -5.20 -2.18
N LEU B 136 8.03 -5.60 -1.34
CA LEU B 136 6.99 -4.78 -0.75
C LEU B 136 7.31 -3.29 -0.66
N HIS B 137 8.21 -2.90 0.24
CA HIS B 137 8.46 -1.47 0.45
C HIS B 137 8.80 -0.70 -0.81
N SER B 138 9.43 -1.38 -1.78
CA SER B 138 9.85 -0.73 -3.03
C SER B 138 8.63 -0.41 -3.88
N HIS B 139 7.53 -1.10 -3.58
CA HIS B 139 6.25 -0.86 -4.22
C HIS B 139 5.35 0.01 -3.35
N ARG B 140 5.99 0.74 -2.43
CA ARG B 140 5.37 1.68 -1.53
C ARG B 140 4.31 0.98 -0.68
N VAL B 141 4.51 -0.29 -0.39
CA VAL B 141 3.60 -1.04 0.47
C VAL B 141 4.24 -1.28 1.83
N VAL B 142 3.46 -1.14 2.90
CA VAL B 142 3.96 -1.50 4.23
C VAL B 142 3.12 -2.64 4.80
N HIS B 143 3.77 -3.70 5.26
CA HIS B 143 3.07 -4.83 5.86
C HIS B 143 3.21 -4.72 7.35
N ARG B 144 2.22 -4.11 7.98
CA ARG B 144 2.35 -3.76 9.37
C ARG B 144 1.54 -4.73 10.18
N ASP B 145 2.01 -5.97 10.22
CA ASP B 145 1.35 -7.01 10.99
C ASP B 145 2.30 -8.20 10.94
N LEU B 146 3.58 -7.88 11.07
CA LEU B 146 4.64 -8.88 11.05
C LEU B 146 4.75 -9.66 12.34
N LYS B 147 4.42 -10.95 12.26
CA LYS B 147 4.45 -11.87 13.40
C LYS B 147 4.62 -13.31 12.90
N PRO B 148 5.33 -14.15 13.68
CA PRO B 148 5.52 -15.58 13.36
C PRO B 148 4.23 -16.35 13.14
N GLN B 149 3.12 -15.86 13.67
CA GLN B 149 1.82 -16.43 13.36
C GLN B 149 1.54 -16.25 11.87
N ASN B 150 2.06 -15.15 11.31
CA ASN B 150 1.72 -14.70 9.96
C ASN B 150 2.72 -15.18 8.92
N ILE B 151 3.99 -15.28 9.31
CA ILE B 151 5.07 -15.72 8.43
C ILE B 151 5.04 -17.21 8.15
N LEU B 152 5.10 -17.59 6.88
CA LEU B 152 4.94 -19.00 6.52
C LEU B 152 6.19 -19.69 5.97
N VAL B 153 6.22 -21.01 6.13
CA VAL B 153 7.39 -21.83 5.83
C VAL B 153 7.02 -23.07 5.03
N THR B 154 7.43 -23.10 3.76
CA THR B 154 7.17 -24.25 2.90
C THR B 154 8.12 -25.37 3.24
N SER B 155 7.73 -26.60 2.88
CA SER B 155 8.52 -27.79 3.18
C SER B 155 9.99 -27.61 2.82
N SER B 156 10.25 -27.02 1.66
CA SER B 156 11.60 -26.66 1.24
C SER B 156 12.26 -25.53 2.05
N GLY B 157 11.62 -25.12 3.15
CA GLY B 157 12.16 -24.08 4.03
C GLY B 157 12.21 -22.66 3.48
N GLN B 158 11.20 -22.29 2.70
CA GLN B 158 11.15 -20.95 2.11
C GLN B 158 10.10 -20.08 2.83
N ILE B 159 10.38 -18.79 2.92
CA ILE B 159 9.47 -17.82 3.58
C ILE B 159 8.32 -17.35 2.67
N LYS B 160 7.10 -17.43 3.19
CA LYS B 160 5.93 -16.86 2.54
C LYS B 160 5.16 -15.90 3.47
N LEU B 161 5.32 -14.58 3.28
CA LEU B 161 4.58 -13.59 4.11
C LEU B 161 3.07 -13.65 3.88
N ALA B 162 2.29 -13.64 4.95
CA ALA B 162 0.83 -13.69 4.79
C ALA B 162 0.04 -12.73 5.69
N ASP B 163 -1.29 -12.75 5.51
CA ASP B 163 -2.21 -11.79 6.13
C ASP B 163 -1.83 -10.35 5.90
N PHE B 164 -2.44 -9.77 4.87
CA PHE B 164 -2.15 -8.40 4.45
C PHE B 164 -3.31 -7.48 4.77
N GLY B 165 -3.92 -7.69 5.94
CA GLY B 165 -5.08 -6.93 6.34
C GLY B 165 -4.73 -5.51 6.69
N LEU B 166 -3.61 -5.32 7.38
CA LEU B 166 -3.22 -4.01 7.85
C LEU B 166 -2.32 -3.35 6.85
N ALA B 167 -2.19 -3.97 5.69
CA ALA B 167 -1.21 -3.50 4.72
C ALA B 167 -1.86 -2.50 3.78
N ARG B 168 -1.10 -1.48 3.40
CA ARG B 168 -1.56 -0.60 2.34
C ARG B 168 -0.45 0.23 1.74
N ILE B 169 -0.74 0.80 0.57
CA ILE B 169 0.17 1.72 -0.07
C ILE B 169 0.35 2.99 0.76
N TYR B 170 1.59 3.35 1.03
CA TYR B 170 1.89 4.61 1.68
C TYR B 170 2.14 5.74 0.70
N SER B 171 1.13 6.57 0.50
CA SER B 171 1.36 7.92 0.00
C SER B 171 1.85 8.85 1.15
N PHE B 172 1.99 10.13 0.89
CA PHE B 172 2.61 11.08 1.80
C PHE B 172 1.45 11.91 2.35
N GLN B 173 1.62 12.43 3.58
CA GLN B 173 0.59 13.25 4.25
C GLN B 173 -0.74 12.53 4.37
N MET B 174 -0.73 11.20 4.31
CA MET B 174 -1.96 10.44 4.45
C MET B 174 -2.20 10.11 5.91
N ALA B 175 -3.47 9.95 6.24
CA ALA B 175 -3.88 9.73 7.62
C ALA B 175 -3.56 8.29 7.99
N LEU B 176 -3.51 8.01 9.29
CA LEU B 176 -3.14 6.70 9.81
C LEU B 176 -3.99 6.34 11.06
N THR B 177 -4.47 5.09 11.18
CA THR B 177 -4.99 4.63 12.47
C THR B 177 -3.84 4.59 13.45
N SER B 178 -4.10 4.16 14.67
CA SER B 178 -3.10 4.18 15.72
C SER B 178 -2.94 2.77 16.23
N VAL B 179 -3.36 1.80 15.42
CA VAL B 179 -3.41 0.40 15.84
C VAL B 179 -2.93 -0.61 14.79
N VAL B 180 -1.62 -0.81 14.72
CA VAL B 180 -1.05 -1.85 13.85
C VAL B 180 -0.09 -2.76 14.64
N VAL B 181 0.03 -4.00 14.17
CA VAL B 181 0.83 -5.08 14.81
C VAL B 181 0.27 -5.55 16.17
N THR B 182 0.34 -6.86 16.40
CA THR B 182 -0.05 -7.43 17.69
C THR B 182 0.91 -6.88 18.72
N LEU B 183 0.43 -6.75 19.96
CA LEU B 183 1.14 -6.08 21.03
C LEU B 183 2.65 -6.29 21.07
N TRP B 184 3.07 -7.54 20.93
CA TRP B 184 4.45 -7.93 21.20
C TRP B 184 5.47 -7.49 20.15
N TYR B 185 5.00 -7.27 18.93
CA TYR B 185 5.87 -6.95 17.80
C TYR B 185 5.82 -5.46 17.40
N ARG B 186 4.90 -4.71 18.02
CA ARG B 186 4.75 -3.26 17.79
C ARG B 186 5.98 -2.42 18.06
N ALA B 187 6.41 -1.70 17.02
CA ALA B 187 7.53 -0.80 17.12
C ALA B 187 7.18 0.31 18.12
N PRO B 188 8.20 0.84 18.82
CA PRO B 188 8.09 1.97 19.74
C PRO B 188 7.17 3.04 19.22
N GLU B 189 7.69 3.97 18.42
CA GLU B 189 6.93 5.10 17.84
C GLU B 189 5.43 4.87 17.60
N VAL B 190 5.03 3.64 17.29
CA VAL B 190 3.62 3.33 17.23
C VAL B 190 3.02 3.46 18.63
N LEU B 191 3.62 2.75 19.60
CA LEU B 191 3.23 2.85 21.00
C LEU B 191 3.22 4.30 21.47
N LEU B 192 4.30 5.02 21.19
CA LEU B 192 4.39 6.44 21.49
C LEU B 192 3.36 7.29 20.76
N GLN B 193 2.44 6.65 20.04
CA GLN B 193 1.38 7.34 19.31
C GLN B 193 1.93 8.39 18.31
N SER B 194 3.11 8.12 17.77
CA SER B 194 3.71 8.92 16.70
C SER B 194 3.23 8.39 15.36
N SER B 195 3.59 9.05 14.26
CA SER B 195 3.20 8.47 12.96
C SER B 195 4.25 7.49 12.50
N TYR B 196 3.78 6.39 11.96
CA TYR B 196 4.68 5.34 11.56
C TYR B 196 5.02 5.34 10.08
N ALA B 197 5.57 4.24 9.59
CA ALA B 197 6.02 4.12 8.21
C ALA B 197 6.52 2.71 7.93
N THR B 198 7.55 2.62 7.10
CA THR B 198 8.23 1.34 6.83
C THR B 198 9.04 0.76 7.98
N PRO B 199 9.71 1.62 8.81
CA PRO B 199 10.53 1.05 9.89
C PRO B 199 9.75 0.18 10.87
N VAL B 200 8.44 0.28 10.79
CA VAL B 200 7.56 -0.58 11.54
C VAL B 200 7.74 -2.03 11.13
N ASP B 201 8.17 -2.24 9.90
CA ASP B 201 8.32 -3.60 9.45
C ASP B 201 9.64 -4.13 9.92
N LEU B 202 10.63 -3.25 10.00
CA LEU B 202 11.94 -3.68 10.37
C LEU B 202 12.05 -3.94 11.85
N TRP B 203 11.21 -3.26 12.61
CA TRP B 203 11.15 -3.50 14.03
C TRP B 203 10.78 -4.95 14.29
N SER B 204 9.63 -5.37 13.77
CA SER B 204 9.18 -6.72 14.01
C SER B 204 10.21 -7.69 13.49
N VAL B 205 10.91 -7.30 12.43
CA VAL B 205 11.91 -8.20 11.86
C VAL B 205 13.03 -8.43 12.88
N GLY B 206 13.71 -7.38 13.32
CA GLY B 206 14.63 -7.52 14.43
C GLY B 206 13.98 -7.89 15.76
N CYS B 207 12.86 -8.58 15.71
CA CYS B 207 12.23 -9.08 16.91
C CYS B 207 11.97 -10.52 16.61
N ILE B 208 11.79 -10.80 15.34
CA ILE B 208 11.62 -12.16 14.87
C ILE B 208 13.00 -12.76 14.65
N PHE B 209 13.93 -11.93 14.20
CA PHE B 209 15.35 -12.22 14.26
C PHE B 209 15.72 -12.72 15.66
N ALA B 210 15.28 -11.99 16.68
CA ALA B 210 15.55 -12.37 18.07
C ALA B 210 14.84 -13.67 18.47
N GLU B 211 13.52 -13.73 18.31
CA GLU B 211 12.73 -14.90 18.68
C GLU B 211 13.26 -16.19 18.07
N MET B 212 13.85 -16.09 16.89
CA MET B 212 14.33 -17.27 16.18
C MET B 212 15.42 -18.03 16.94
N PHE B 213 16.49 -17.32 17.30
CA PHE B 213 17.53 -17.88 18.16
C PHE B 213 16.94 -18.46 19.44
N ARG B 214 16.36 -17.58 20.25
CA ARG B 214 15.80 -17.94 21.55
C ARG B 214 14.32 -18.25 21.43
N ARG B 215 14.00 -19.44 20.90
CA ARG B 215 12.63 -19.85 20.52
C ARG B 215 11.44 -19.46 21.42
N LYS B 216 11.37 -18.18 21.79
CA LYS B 216 10.25 -17.60 22.54
C LYS B 216 10.25 -16.08 22.33
N PRO B 217 9.05 -15.48 22.17
CA PRO B 217 8.88 -14.04 21.94
C PRO B 217 9.75 -13.20 22.86
N LEU B 218 10.48 -12.26 22.26
CA LEU B 218 11.48 -11.49 23.00
C LEU B 218 10.87 -10.50 23.96
N PHE B 219 9.73 -9.93 23.58
CA PHE B 219 9.07 -8.87 24.37
C PHE B 219 7.61 -9.23 24.66
N ARG B 220 7.29 -9.51 25.91
CA ARG B 220 5.94 -9.99 26.21
C ARG B 220 5.12 -9.14 27.20
N GLY B 221 4.83 -7.90 26.81
CA GLY B 221 4.05 -6.99 27.65
C GLY B 221 2.58 -7.36 27.88
N SER B 222 1.82 -6.42 28.42
CA SER B 222 0.40 -6.64 28.75
C SER B 222 -0.46 -5.41 28.43
N SER B 223 0.22 -4.29 28.20
CA SER B 223 -0.42 -3.05 27.82
C SER B 223 0.53 -2.29 26.92
N ASP B 224 0.07 -1.20 26.31
CA ASP B 224 0.92 -0.36 25.49
C ASP B 224 2.10 0.19 26.29
N VAL B 225 1.95 0.26 27.61
CA VAL B 225 2.95 0.90 28.47
C VAL B 225 3.91 -0.13 29.06
N ASP B 226 3.36 -1.29 29.43
CA ASP B 226 4.19 -2.40 29.86
C ASP B 226 5.09 -2.75 28.70
N GLN B 227 4.49 -2.93 27.53
CA GLN B 227 5.20 -3.29 26.32
C GLN B 227 6.32 -2.31 26.00
N LEU B 228 6.06 -1.01 26.15
CA LEU B 228 7.13 -0.05 25.90
C LEU B 228 8.22 -0.13 26.95
N GLY B 229 7.97 -0.91 28.00
CA GLY B 229 8.91 -1.03 29.10
C GLY B 229 9.86 -2.19 28.93
N LYS B 230 9.28 -3.39 28.77
CA LYS B 230 10.00 -4.58 28.38
C LYS B 230 11.06 -4.27 27.30
N ILE B 231 10.68 -3.40 26.36
CA ILE B 231 11.61 -2.88 25.35
C ILE B 231 12.60 -1.88 25.92
N LEU B 232 12.10 -0.84 26.59
CA LEU B 232 12.94 0.28 27.01
C LEU B 232 13.95 -0.11 28.09
N ASP B 233 13.71 -1.22 28.76
CA ASP B 233 14.66 -1.78 29.73
C ASP B 233 15.56 -2.80 29.04
N VAL B 234 15.84 -2.56 27.76
CA VAL B 234 16.80 -3.36 26.98
C VAL B 234 17.61 -2.42 26.09
N ILE B 235 16.95 -1.81 25.12
CA ILE B 235 17.62 -0.86 24.22
C ILE B 235 18.26 0.28 25.00
N GLY B 236 17.73 0.57 26.18
CA GLY B 236 18.27 1.61 27.03
C GLY B 236 17.61 2.93 26.80
N LEU B 237 18.13 3.98 27.44
CA LEU B 237 17.54 5.30 27.39
C LEU B 237 18.08 6.11 26.22
N PRO B 238 17.22 6.34 25.22
CA PRO B 238 17.55 7.13 24.04
C PRO B 238 17.77 8.59 24.42
N GLY B 239 18.89 9.17 23.98
CA GLY B 239 19.22 10.55 24.34
C GLY B 239 18.20 11.60 23.94
N GLU B 240 18.56 12.86 24.14
CA GLU B 240 17.66 13.97 23.84
C GLU B 240 17.43 14.15 22.34
N GLU B 241 18.30 13.56 21.55
CA GLU B 241 18.23 13.65 20.09
C GLU B 241 17.35 12.57 19.44
N ASP B 242 17.26 11.39 20.06
CA ASP B 242 16.48 10.28 19.50
C ASP B 242 15.02 10.25 19.95
N TRP B 243 14.55 11.34 20.54
CA TRP B 243 13.20 11.36 21.13
C TRP B 243 12.21 12.30 20.38
N PRO B 244 10.98 11.81 20.14
CA PRO B 244 9.95 12.56 19.40
C PRO B 244 9.70 13.95 19.94
N PRO B 261 24.52 -4.99 27.59
CA PRO B 261 24.54 -6.38 27.13
C PRO B 261 23.23 -6.74 26.47
N ILE B 262 23.33 -7.41 25.33
CA ILE B 262 22.16 -7.75 24.54
C ILE B 262 22.14 -9.25 24.28
N GLU B 263 23.33 -9.84 24.18
CA GLU B 263 23.50 -11.29 24.14
C GLU B 263 22.85 -11.86 25.39
N LYS B 264 22.85 -11.00 26.42
CA LYS B 264 22.02 -11.09 27.62
C LYS B 264 20.71 -11.83 27.35
N PHE B 265 20.02 -11.40 26.30
CA PHE B 265 18.73 -11.96 25.96
C PHE B 265 18.80 -12.73 24.65
N ASP B 268 22.68 -17.09 22.19
CA ASP B 268 23.52 -17.81 21.24
C ASP B 268 23.45 -17.15 19.87
N ILE B 269 24.19 -16.06 19.69
CA ILE B 269 24.11 -15.28 18.45
C ILE B 269 25.49 -14.91 17.90
N ASP B 270 25.62 -14.79 16.59
CA ASP B 270 26.86 -14.36 15.95
C ASP B 270 27.23 -12.96 16.39
N GLU B 271 28.51 -12.60 16.31
CA GLU B 271 28.90 -11.22 16.57
C GLU B 271 28.21 -10.33 15.55
N LEU B 272 27.92 -10.91 14.39
CA LEU B 272 27.37 -10.16 13.26
C LEU B 272 25.86 -9.96 13.26
N GLY B 273 25.11 -10.98 13.70
CA GLY B 273 23.68 -10.86 13.86
C GLY B 273 23.37 -9.78 14.86
N LYS B 274 24.22 -9.72 15.89
CA LYS B 274 24.08 -8.78 16.96
C LYS B 274 24.48 -7.35 16.56
N ASP B 275 24.77 -7.11 15.28
CA ASP B 275 24.83 -5.73 14.81
C ASP B 275 23.60 -5.49 13.97
N LEU B 276 23.17 -6.54 13.28
CA LEU B 276 21.95 -6.47 12.50
C LEU B 276 20.79 -6.22 13.45
N LEU B 277 20.62 -7.09 14.44
CA LEU B 277 19.56 -6.96 15.43
C LEU B 277 19.55 -5.59 16.14
N LEU B 278 20.73 -5.04 16.36
CA LEU B 278 20.85 -3.69 16.91
C LEU B 278 20.46 -2.65 15.86
N LYS B 279 20.75 -2.95 14.61
CA LYS B 279 20.40 -2.04 13.53
C LYS B 279 18.87 -1.98 13.31
N CYS B 280 18.17 -3.10 13.53
CA CYS B 280 16.73 -3.19 13.38
C CYS B 280 15.95 -2.79 14.61
N LEU B 281 16.65 -2.56 15.71
CA LEU B 281 16.03 -2.12 16.95
C LEU B 281 16.78 -0.92 17.46
N THR B 282 17.14 -0.01 16.56
CA THR B 282 17.60 1.29 17.00
C THR B 282 16.34 2.11 17.23
N PHE B 283 16.23 2.75 18.40
CA PHE B 283 14.98 3.40 18.82
C PHE B 283 14.46 4.38 17.79
N ASN B 284 15.29 5.36 17.46
CA ASN B 284 14.98 6.34 16.42
C ASN B 284 14.69 5.60 15.13
N PRO B 285 13.54 5.89 14.49
CA PRO B 285 13.21 5.08 13.32
C PRO B 285 13.88 5.57 12.04
N ALA B 286 14.41 6.79 12.06
CA ALA B 286 15.23 7.31 10.97
C ALA B 286 16.68 6.85 11.12
N LYS B 287 16.87 5.79 11.91
CA LYS B 287 18.17 5.32 12.27
C LYS B 287 18.10 3.82 12.10
N ARG B 288 16.89 3.31 12.17
CA ARG B 288 16.69 1.89 11.95
C ARG B 288 17.10 1.57 10.51
N ILE B 289 17.78 0.45 10.33
CA ILE B 289 18.23 0.07 9.00
C ILE B 289 17.02 -0.17 8.10
N SER B 290 17.25 -0.15 6.78
CA SER B 290 16.23 -0.46 5.78
C SER B 290 16.48 -1.85 5.23
N ALA B 291 15.41 -2.58 4.88
CA ALA B 291 15.55 -3.96 4.43
C ALA B 291 16.58 -4.11 3.28
N TYR B 292 16.67 -3.08 2.46
CA TYR B 292 17.67 -3.00 1.41
C TYR B 292 19.06 -2.87 2.00
N SER B 293 19.21 -1.92 2.91
CA SER B 293 20.50 -1.67 3.52
C SER B 293 20.92 -2.88 4.35
N ALA B 294 19.91 -3.62 4.82
CA ALA B 294 20.14 -4.78 5.66
C ALA B 294 20.56 -6.01 4.85
N LEU B 295 19.91 -6.21 3.70
CA LEU B 295 20.26 -7.31 2.81
C LEU B 295 21.76 -7.30 2.42
N SER B 296 22.34 -6.11 2.38
CA SER B 296 23.75 -5.91 2.01
C SER B 296 24.70 -6.02 3.21
N HIS B 297 24.18 -5.87 4.42
CA HIS B 297 25.01 -5.90 5.63
C HIS B 297 25.80 -7.22 5.77
N PRO B 298 27.06 -7.11 6.25
CA PRO B 298 28.00 -8.21 6.50
C PRO B 298 27.48 -9.51 7.13
N TYR B 299 26.40 -9.51 7.89
CA TYR B 299 25.91 -10.75 8.51
C TYR B 299 25.48 -11.75 7.43
N PHE B 300 25.30 -11.23 6.22
CA PHE B 300 24.61 -11.98 5.17
C PHE B 300 25.51 -12.52 4.04
N GLN B 301 26.67 -11.90 3.83
CA GLN B 301 27.53 -12.18 2.67
C GLN B 301 27.91 -13.67 2.43
N ASP B 302 28.05 -14.43 3.52
CA ASP B 302 28.21 -15.87 3.42
C ASP B 302 26.84 -16.57 3.39
N LEU B 303 26.36 -16.89 2.20
CA LEU B 303 25.01 -17.43 2.10
C LEU B 303 24.71 -18.14 0.78
N GLU B 304 23.83 -19.14 0.85
CA GLU B 304 23.30 -19.82 -0.33
C GLU B 304 22.64 -18.81 -1.29
#